data_9JU4
#
_entry.id   9JU4
#
_cell.length_a   45.820
_cell.length_b   46.650
_cell.length_c   101.260
_cell.angle_alpha   90.00
_cell.angle_beta   93.99
_cell.angle_gamma   90.00
#
_symmetry.space_group_name_H-M   'P 1 2 1'
#
loop_
_entity.id
_entity.type
_entity.pdbx_description
1 polymer 'Alpha/beta hydrolase fold-3 domain protein'
2 polymer 'The Thermotoga maritima cold shock protein mutant binding to AacEst'
3 non-polymer 'phenylmethanesulfonic acid'
4 non-polymer DI(HYDROXYETHYL)ETHER
5 non-polymer GLYCEROL
6 water water
#
loop_
_entity_poly.entity_id
_entity_poly.type
_entity_poly.pdbx_seq_one_letter_code
_entity_poly.pdbx_strand_id
1 'polypeptide(L)'
;MPLDPVIQQVLDQLNRMPAPDYKHLSAQQFRSQQSLFPPVKKEPVAEVREFDMDLPGRTLKVRMYRPEGVEPPYPALVYY
HGGGWVVGDLETHDPVCRVLAKDGRAVVFSVDYRLAPEHKFPAAVEDAYDALQWIAERAADFHLDPARIAVGGDSAGGNL
AAVTSILAKERGGPAIAFQLLIYPSTGYDPAHPPASIEENAEGYLLTGGMMLWFRDQYLNSLEELTHPWFSPVLYPDLSG
LPPAYIATAQYDPLRDVGKLYAEALNKAGVKVEIENFEDLIHGFAQFYSLSPGATKALVRIAEKLRDALA
;
A
2 'polypeptide(L)' RGKVKWFHDYYGYGFITKDEGGDVFVNADAIDMEGFKTLKEGQVVEFEIDSTVANAPQAAHVKVVE B
#
loop_
_chem_comp.id
_chem_comp.type
_chem_comp.name
_chem_comp.formula
GOL non-polymer GLYCEROL 'C3 H8 O3'
PEG non-polymer DI(HYDROXYETHYL)ETHER 'C4 H10 O3'
PMS non-polymer 'phenylmethanesulfonic acid' 'C7 H8 O3 S'
#
# COMPACT_ATOMS: atom_id res chain seq x y z
N MET A 1 9.23 20.37 -1.39
CA MET A 1 8.82 20.34 0.01
C MET A 1 9.73 19.43 0.82
N PRO A 2 9.96 19.76 2.08
CA PRO A 2 10.68 18.86 2.98
C PRO A 2 9.74 17.75 3.43
N LEU A 3 10.31 16.79 4.16
CA LEU A 3 9.55 15.69 4.72
C LEU A 3 8.41 16.21 5.59
N ASP A 4 7.24 15.58 5.45
CA ASP A 4 6.13 15.90 6.33
C ASP A 4 6.57 15.80 7.78
N PRO A 5 6.19 16.76 8.63
CA PRO A 5 6.78 16.83 9.98
C PRO A 5 6.51 15.61 10.84
N VAL A 6 5.31 15.03 10.78
CA VAL A 6 5.03 13.85 11.60
C VAL A 6 5.84 12.66 11.11
N ILE A 7 5.88 12.47 9.79
CA ILE A 7 6.71 11.41 9.23
C ILE A 7 8.17 11.57 9.63
N GLN A 8 8.68 12.81 9.59
CA GLN A 8 10.05 13.08 10.02
C GLN A 8 10.32 12.59 11.44
N GLN A 9 9.35 12.79 12.33
CA GLN A 9 9.53 12.38 13.72
C GLN A 9 9.65 10.86 13.83
N VAL A 10 8.83 10.14 13.07
CA VAL A 10 8.89 8.68 13.08
C VAL A 10 10.23 8.21 12.54
N LEU A 11 10.65 8.76 11.40
CA LEU A 11 11.89 8.34 10.77
C LEU A 11 13.10 8.59 11.66
N ASP A 12 13.15 9.77 12.29
CA ASP A 12 14.28 10.08 13.16
C ASP A 12 14.45 9.04 14.25
N GLN A 13 13.33 8.55 14.81
CA GLN A 13 13.42 7.52 15.84
C GLN A 13 13.69 6.14 15.24
N LEU A 14 13.11 5.85 14.07
CA LEU A 14 13.36 4.57 13.40
C LEU A 14 14.85 4.41 13.10
N ASN A 15 15.47 5.44 12.54
CA ASN A 15 16.84 5.33 12.05
C ASN A 15 17.87 5.34 13.17
N ARG A 16 17.45 5.41 14.44
CA ARG A 16 18.38 5.29 15.56
C ARG A 16 18.81 3.86 15.80
N MET A 17 17.97 2.89 15.46
CA MET A 17 18.46 1.53 15.61
C MET A 17 19.09 1.06 14.30
N PRO A 18 20.05 0.15 14.37
CA PRO A 18 20.72 -0.29 13.13
C PRO A 18 19.81 -1.14 12.27
N ALA A 19 20.16 -1.22 10.99
CA ALA A 19 19.36 -1.98 10.05
C ALA A 19 19.36 -3.46 10.44
N PRO A 20 18.28 -4.18 10.14
CA PRO A 20 18.25 -5.62 10.44
C PRO A 20 19.31 -6.38 9.67
N ASP A 21 19.59 -7.58 10.15
CA ASP A 21 20.51 -8.50 9.49
C ASP A 21 19.69 -9.29 8.47
N TYR A 22 19.60 -8.77 7.25
CA TYR A 22 18.70 -9.35 6.25
C TYR A 22 19.14 -10.74 5.81
N LYS A 23 20.42 -11.11 5.94
CA LYS A 23 20.79 -12.46 5.50
C LYS A 23 20.23 -13.54 6.42
N HIS A 24 19.86 -13.22 7.66
CA HIS A 24 19.30 -14.20 8.57
C HIS A 24 17.88 -13.89 9.01
N LEU A 25 17.34 -12.74 8.66
CA LEU A 25 15.95 -12.39 8.97
C LEU A 25 15.00 -13.40 8.34
N SER A 26 14.13 -13.99 9.15
CA SER A 26 13.12 -14.88 8.60
C SER A 26 11.77 -14.18 8.50
N ALA A 27 10.89 -14.74 7.67
CA ALA A 27 9.56 -14.15 7.53
C ALA A 27 8.79 -14.24 8.84
N GLN A 28 8.81 -15.41 9.47
CA GLN A 28 8.14 -15.61 10.76
C GLN A 28 8.69 -14.64 11.80
N GLN A 29 9.97 -14.29 11.70
CA GLN A 29 10.58 -13.27 12.54
C GLN A 29 10.02 -11.89 12.20
N PHE A 30 10.00 -11.54 10.91
CA PHE A 30 9.56 -10.23 10.49
C PHE A 30 8.08 -10.01 10.81
N ARG A 31 7.25 -11.04 10.67
CA ARG A 31 5.82 -10.92 11.00
C ARG A 31 5.57 -10.87 12.50
N SER A 32 6.42 -11.51 13.29
CA SER A 32 6.36 -11.41 14.75
C SER A 32 6.68 -10.01 15.24
N GLN A 33 7.30 -9.18 14.42
CA GLN A 33 7.56 -7.80 14.82
C GLN A 33 6.25 -7.06 15.04
N GLN A 34 6.32 -6.03 15.87
CA GLN A 34 5.28 -5.01 15.89
C GLN A 34 5.41 -4.15 14.65
N SER A 35 4.29 -3.84 14.01
CA SER A 35 4.34 -3.10 12.76
C SER A 35 4.70 -1.65 13.01
N LEU A 36 5.43 -1.06 12.06
CA LEU A 36 5.81 0.34 12.17
C LEU A 36 4.60 1.27 12.18
N PHE A 37 3.44 0.80 11.70
CA PHE A 37 2.34 1.74 11.59
C PHE A 37 1.34 1.53 12.71
N PRO A 38 0.86 2.61 13.33
CA PRO A 38 -0.18 2.48 14.34
C PRO A 38 -1.55 2.44 13.69
N PRO A 39 -2.58 1.98 14.41
CA PRO A 39 -3.94 2.00 13.86
C PRO A 39 -4.44 3.43 13.72
N VAL A 40 -5.02 3.73 12.56
CA VAL A 40 -5.42 5.09 12.24
C VAL A 40 -6.94 5.16 12.09
N LYS A 41 -7.45 6.37 11.86
CA LYS A 41 -8.90 6.60 11.77
C LYS A 41 -9.55 5.75 10.69
N LYS A 42 -10.68 5.11 11.04
CA LYS A 42 -11.50 4.39 10.08
C LYS A 42 -12.67 5.30 9.69
N GLU A 43 -12.69 5.76 8.44
CA GLU A 43 -13.79 6.57 7.99
C GLU A 43 -15.06 5.72 7.88
N PRO A 44 -16.23 6.30 8.16
CA PRO A 44 -17.47 5.51 8.14
C PRO A 44 -17.92 5.22 6.72
N VAL A 45 -18.47 4.02 6.52
CA VAL A 45 -19.07 3.62 5.26
C VAL A 45 -20.44 3.00 5.57
N ALA A 46 -21.22 2.75 4.51
CA ALA A 46 -22.56 2.19 4.72
C ALA A 46 -22.48 0.77 5.27
N GLU A 47 -21.57 -0.06 4.74
CA GLU A 47 -21.52 -1.45 5.13
C GLU A 47 -20.13 -2.02 4.82
N VAL A 48 -19.65 -2.89 5.70
CA VAL A 48 -18.44 -3.67 5.48
C VAL A 48 -18.80 -5.13 5.68
N ARG A 49 -18.53 -5.96 4.68
CA ARG A 49 -18.83 -7.39 4.73
C ARG A 49 -17.54 -8.18 4.49
N GLU A 50 -17.22 -9.09 5.39
CA GLU A 50 -16.08 -9.98 5.20
C GLU A 50 -16.58 -11.38 4.87
N PHE A 51 -15.93 -12.03 3.91
CA PHE A 51 -16.36 -13.38 3.55
C PHE A 51 -15.20 -14.13 2.90
N ASP A 52 -15.40 -15.43 2.73
CA ASP A 52 -14.40 -16.31 2.13
C ASP A 52 -14.74 -16.52 0.66
N MET A 53 -13.77 -16.28 -0.21
CA MET A 53 -13.89 -16.55 -1.64
C MET A 53 -13.23 -17.89 -1.93
N ASP A 54 -14.02 -18.86 -2.39
CA ASP A 54 -13.54 -20.22 -2.62
C ASP A 54 -13.02 -20.32 -4.05
N LEU A 55 -11.73 -20.55 -4.19
CA LEU A 55 -11.07 -20.77 -5.46
C LEU A 55 -10.51 -22.18 -5.49
N PRO A 56 -10.14 -22.70 -6.68
CA PRO A 56 -9.55 -24.05 -6.72
C PRO A 56 -8.27 -24.14 -5.90
N GLY A 57 -8.29 -24.94 -4.84
CA GLY A 57 -7.12 -25.19 -4.02
C GLY A 57 -6.89 -24.23 -2.88
N ARG A 58 -7.63 -23.13 -2.79
CA ARG A 58 -7.37 -22.19 -1.73
C ARG A 58 -8.57 -21.27 -1.56
N THR A 59 -8.74 -20.77 -0.35
CA THR A 59 -9.79 -19.83 -0.01
C THR A 59 -9.15 -18.49 0.35
N LEU A 60 -9.68 -17.40 -0.21
CA LEU A 60 -9.15 -16.07 0.05
C LEU A 60 -10.19 -15.25 0.80
N LYS A 61 -9.77 -14.63 1.89
CA LYS A 61 -10.65 -13.71 2.59
C LYS A 61 -10.80 -12.41 1.79
N VAL A 62 -12.02 -11.84 1.83
CA VAL A 62 -12.34 -10.61 1.13
C VAL A 62 -13.10 -9.69 2.07
N ARG A 63 -12.77 -8.40 2.04
CA ARG A 63 -13.59 -7.41 2.70
C ARG A 63 -14.17 -6.48 1.64
N MET A 64 -15.50 -6.34 1.66
CA MET A 64 -16.23 -5.49 0.72
C MET A 64 -16.73 -4.26 1.45
N TYR A 65 -16.41 -3.07 0.92
CA TYR A 65 -16.75 -1.79 1.54
C TYR A 65 -17.75 -1.07 0.65
N ARG A 66 -18.98 -0.86 1.14
CA ARG A 66 -19.94 -0.08 0.37
C ARG A 66 -20.06 1.30 1.01
N PRO A 67 -19.79 2.38 0.27
CA PRO A 67 -19.84 3.72 0.87
C PRO A 67 -21.27 4.25 0.95
N GLU A 68 -21.44 5.26 1.80
CA GLU A 68 -22.73 5.94 1.93
C GLU A 68 -23.08 6.71 0.67
N GLY A 69 -24.37 6.80 0.40
CA GLY A 69 -24.87 7.73 -0.60
C GLY A 69 -24.49 7.44 -2.03
N VAL A 70 -24.28 6.17 -2.37
CA VAL A 70 -24.09 5.76 -3.75
C VAL A 70 -25.20 4.79 -4.10
N GLU A 71 -25.66 4.83 -5.34
CA GLU A 71 -26.78 3.99 -5.74
C GLU A 71 -26.34 3.04 -6.85
N PRO A 72 -26.96 1.85 -6.94
CA PRO A 72 -26.56 0.89 -7.98
C PRO A 72 -26.93 1.41 -9.35
N PRO A 73 -26.30 0.91 -10.42
CA PRO A 73 -25.17 -0.04 -10.39
C PRO A 73 -23.88 0.64 -9.92
N TYR A 74 -23.16 0.00 -8.99
CA TYR A 74 -22.03 0.66 -8.37
C TYR A 74 -20.78 0.52 -9.23
N PRO A 75 -19.94 1.55 -9.28
CA PRO A 75 -18.55 1.34 -9.69
C PRO A 75 -17.81 0.62 -8.56
N ALA A 76 -16.73 -0.07 -8.92
CA ALA A 76 -16.02 -0.88 -7.94
C ALA A 76 -14.53 -0.85 -8.19
N LEU A 77 -13.78 -1.13 -7.11
CA LEU A 77 -12.32 -1.25 -7.13
C LEU A 77 -11.95 -2.55 -6.46
N VAL A 78 -11.26 -3.43 -7.18
CA VAL A 78 -10.65 -4.61 -6.57
C VAL A 78 -9.25 -4.21 -6.13
N TYR A 79 -8.99 -4.30 -4.82
CA TYR A 79 -7.83 -3.70 -4.19
C TYR A 79 -6.94 -4.77 -3.59
N TYR A 80 -5.62 -4.66 -3.83
CA TYR A 80 -4.63 -5.57 -3.31
C TYR A 80 -3.70 -4.80 -2.38
N HIS A 81 -3.68 -5.19 -1.11
CA HIS A 81 -2.85 -4.49 -0.13
C HIS A 81 -1.36 -4.69 -0.42
N GLY A 82 -0.55 -3.77 0.12
CA GLY A 82 0.90 -3.88 0.06
C GLY A 82 1.48 -4.69 1.21
N GLY A 83 2.81 -4.72 1.24
CA GLY A 83 3.52 -5.49 2.24
C GLY A 83 4.59 -6.40 1.67
N GLY A 84 5.15 -6.02 0.52
CA GLY A 84 6.30 -6.74 -0.01
C GLY A 84 6.07 -8.18 -0.38
N TRP A 85 4.82 -8.56 -0.63
CA TRP A 85 4.38 -9.93 -0.93
C TRP A 85 4.54 -10.88 0.26
N VAL A 86 4.80 -10.35 1.46
CA VAL A 86 5.16 -11.18 2.63
C VAL A 86 4.24 -10.87 3.81
N VAL A 87 3.87 -9.61 4.00
CA VAL A 87 3.03 -9.20 5.13
C VAL A 87 1.82 -8.42 4.63
N GLY A 88 1.08 -7.85 5.58
CA GLY A 88 -0.15 -7.10 5.30
C GLY A 88 -1.35 -8.02 5.24
N ASP A 89 -2.51 -7.46 5.51
CA ASP A 89 -3.75 -8.23 5.44
C ASP A 89 -4.92 -7.26 5.37
N LEU A 90 -6.14 -7.80 5.54
CA LEU A 90 -7.33 -6.96 5.43
C LEU A 90 -7.34 -5.87 6.49
N GLU A 91 -6.85 -6.17 7.70
CA GLU A 91 -6.94 -5.16 8.75
C GLU A 91 -5.87 -4.07 8.60
N THR A 92 -4.65 -4.43 8.18
CA THR A 92 -3.62 -3.40 8.05
C THR A 92 -4.04 -2.31 7.08
N HIS A 93 -4.78 -2.67 6.03
CA HIS A 93 -5.16 -1.71 5.01
C HIS A 93 -6.64 -1.33 5.08
N ASP A 94 -7.33 -1.73 6.15
CA ASP A 94 -8.73 -1.37 6.28
C ASP A 94 -8.97 0.13 6.24
N PRO A 95 -8.21 0.97 6.97
CA PRO A 95 -8.46 2.43 6.86
C PRO A 95 -8.21 2.98 5.47
N VAL A 96 -7.27 2.42 4.71
CA VAL A 96 -7.04 2.87 3.34
C VAL A 96 -8.26 2.59 2.47
N CYS A 97 -8.78 1.36 2.52
CA CYS A 97 -9.96 1.01 1.72
C CYS A 97 -11.15 1.88 2.05
N ARG A 98 -11.34 2.22 3.34
CA ARG A 98 -12.49 3.04 3.72
C ARG A 98 -12.42 4.42 3.08
N VAL A 99 -11.23 5.02 3.04
CA VAL A 99 -11.06 6.30 2.37
C VAL A 99 -11.30 6.15 0.87
N LEU A 100 -10.77 5.09 0.28
CA LEU A 100 -10.96 4.87 -1.15
C LEU A 100 -12.44 4.69 -1.47
N ALA A 101 -13.17 3.96 -0.62
CA ALA A 101 -14.60 3.79 -0.85
C ALA A 101 -15.36 5.09 -0.62
N LYS A 102 -15.16 5.71 0.55
CA LYS A 102 -15.95 6.89 0.92
C LYS A 102 -15.69 8.06 -0.03
N ASP A 103 -14.42 8.39 -0.25
CA ASP A 103 -14.11 9.51 -1.14
C ASP A 103 -14.03 9.10 -2.60
N GLY A 104 -13.74 7.84 -2.90
CA GLY A 104 -13.82 7.41 -4.29
C GLY A 104 -15.22 7.13 -4.81
N ARG A 105 -16.20 6.99 -3.90
CA ARG A 105 -17.59 6.74 -4.27
C ARG A 105 -17.73 5.40 -4.99
N ALA A 106 -17.04 4.38 -4.49
CA ALA A 106 -16.98 3.08 -5.15
C ALA A 106 -17.02 1.98 -4.10
N VAL A 107 -17.58 0.83 -4.50
CA VAL A 107 -17.48 -0.36 -3.68
C VAL A 107 -16.07 -0.89 -3.81
N VAL A 108 -15.40 -1.13 -2.68
CA VAL A 108 -14.03 -1.65 -2.67
C VAL A 108 -14.07 -3.08 -2.17
N PHE A 109 -13.42 -3.97 -2.92
CA PHE A 109 -13.20 -5.36 -2.52
C PHE A 109 -11.72 -5.52 -2.23
N SER A 110 -11.38 -5.63 -0.94
CA SER A 110 -9.99 -5.84 -0.52
C SER A 110 -9.71 -7.33 -0.42
N VAL A 111 -8.69 -7.80 -1.15
CA VAL A 111 -8.47 -9.23 -1.38
C VAL A 111 -7.24 -9.68 -0.61
N ASP A 112 -7.40 -10.74 0.18
CA ASP A 112 -6.30 -11.35 0.95
C ASP A 112 -5.63 -12.43 0.12
N TYR A 113 -4.65 -12.00 -0.70
CA TYR A 113 -3.94 -12.96 -1.53
C TYR A 113 -2.90 -13.72 -0.71
N ARG A 114 -2.46 -14.87 -1.24
CA ARG A 114 -1.51 -15.71 -0.53
C ARG A 114 -0.14 -15.04 -0.47
N LEU A 115 0.56 -15.26 0.65
CA LEU A 115 1.80 -14.56 0.97
C LEU A 115 3.01 -15.48 0.86
N ALA A 116 4.14 -14.91 0.47
CA ALA A 116 5.44 -15.58 0.44
C ALA A 116 6.09 -15.52 1.82
N PRO A 117 7.05 -16.41 2.13
CA PRO A 117 7.61 -17.48 1.31
C PRO A 117 6.78 -18.76 1.32
N GLU A 118 5.73 -18.80 2.13
CA GLU A 118 4.88 -19.99 2.14
C GLU A 118 4.30 -20.28 0.76
N HIS A 119 3.86 -19.23 0.06
CA HIS A 119 3.35 -19.36 -1.31
C HIS A 119 4.16 -18.40 -2.19
N LYS A 120 5.16 -18.94 -2.86
CA LYS A 120 6.07 -18.11 -3.64
C LYS A 120 5.42 -17.69 -4.95
N PHE A 121 6.05 -16.73 -5.61
CA PHE A 121 5.70 -16.34 -6.96
C PHE A 121 5.44 -17.58 -7.81
N PRO A 122 4.37 -17.60 -8.64
CA PRO A 122 3.39 -16.57 -8.93
C PRO A 122 2.06 -16.75 -8.21
N ALA A 123 2.06 -17.30 -6.98
CA ALA A 123 0.80 -17.55 -6.28
C ALA A 123 -0.04 -16.28 -6.13
N ALA A 124 0.57 -15.18 -5.65
CA ALA A 124 -0.18 -13.94 -5.46
C ALA A 124 -0.76 -13.40 -6.77
N VAL A 125 0.00 -13.54 -7.86
CA VAL A 125 -0.46 -13.08 -9.18
C VAL A 125 -1.70 -13.87 -9.61
N GLU A 126 -1.65 -15.19 -9.49
CA GLU A 126 -2.81 -16.02 -9.80
C GLU A 126 -3.99 -15.65 -8.91
N ASP A 127 -3.75 -15.43 -7.61
CA ASP A 127 -4.83 -15.01 -6.72
C ASP A 127 -5.44 -13.68 -7.14
N ALA A 128 -4.58 -12.72 -7.50
CA ALA A 128 -5.05 -11.38 -7.84
C ALA A 128 -5.95 -11.41 -9.08
N TYR A 129 -5.53 -12.15 -10.11
CA TYR A 129 -6.37 -12.27 -11.30
C TYR A 129 -7.62 -13.10 -11.01
N ASP A 130 -7.47 -14.24 -10.33
CA ASP A 130 -8.61 -15.11 -10.10
C ASP A 130 -9.66 -14.44 -9.22
N ALA A 131 -9.23 -13.60 -8.28
CA ALA A 131 -10.17 -12.86 -7.46
C ALA A 131 -10.90 -11.78 -8.26
N LEU A 132 -10.18 -11.06 -9.14
CA LEU A 132 -10.89 -10.12 -10.01
C LEU A 132 -11.90 -10.83 -10.89
N GLN A 133 -11.52 -11.97 -11.44
CA GLN A 133 -12.45 -12.72 -12.28
C GLN A 133 -13.67 -13.19 -11.47
N TRP A 134 -13.42 -13.64 -10.24
CA TRP A 134 -14.52 -14.13 -9.39
C TRP A 134 -15.55 -13.03 -9.16
N ILE A 135 -15.09 -11.82 -8.89
CA ILE A 135 -15.98 -10.70 -8.58
C ILE A 135 -16.67 -10.21 -9.84
N ALA A 136 -15.91 -10.04 -10.94
CA ALA A 136 -16.46 -9.51 -12.17
C ALA A 136 -17.54 -10.42 -12.74
N GLU A 137 -17.32 -11.73 -12.67
CA GLU A 137 -18.36 -12.66 -13.10
C GLU A 137 -19.62 -12.57 -12.24
N ARG A 138 -19.53 -12.02 -11.04
CA ARG A 138 -20.67 -11.86 -10.15
C ARG A 138 -21.14 -10.42 -10.05
N ALA A 139 -20.79 -9.59 -11.05
CA ALA A 139 -21.15 -8.17 -11.02
C ALA A 139 -22.63 -7.97 -10.76
N ALA A 140 -23.50 -8.75 -11.40
CA ALA A 140 -24.93 -8.55 -11.22
C ALA A 140 -25.37 -8.90 -9.81
N ASP A 141 -24.77 -9.94 -9.22
CA ASP A 141 -25.09 -10.32 -7.85
C ASP A 141 -24.70 -9.21 -6.88
N PHE A 142 -23.59 -8.54 -7.14
CA PHE A 142 -23.08 -7.48 -6.29
C PHE A 142 -23.62 -6.10 -6.67
N HIS A 143 -24.49 -6.03 -7.68
CA HIS A 143 -25.03 -4.76 -8.20
C HIS A 143 -23.92 -3.84 -8.72
N LEU A 144 -22.90 -4.40 -9.37
CA LEU A 144 -21.83 -3.58 -9.92
C LEU A 144 -22.08 -3.29 -11.39
N ASP A 145 -21.58 -2.14 -11.83
CA ASP A 145 -21.51 -1.86 -13.27
C ASP A 145 -20.29 -2.56 -13.85
N PRO A 146 -20.47 -3.56 -14.71
CA PRO A 146 -19.30 -4.29 -15.24
C PRO A 146 -18.37 -3.41 -16.07
N ALA A 147 -18.82 -2.24 -16.51
CA ALA A 147 -17.97 -1.34 -17.28
C ALA A 147 -17.19 -0.37 -16.40
N ARG A 148 -17.36 -0.42 -15.08
CA ARG A 148 -16.71 0.50 -14.15
C ARG A 148 -16.11 -0.26 -12.97
N ILE A 149 -15.39 -1.34 -13.26
CA ILE A 149 -14.64 -2.09 -12.27
C ILE A 149 -13.16 -1.79 -12.48
N ALA A 150 -12.53 -1.25 -11.45
CA ALA A 150 -11.11 -0.95 -11.52
C ALA A 150 -10.32 -1.95 -10.69
N VAL A 151 -9.00 -1.97 -10.91
CA VAL A 151 -8.07 -2.66 -10.03
C VAL A 151 -7.12 -1.62 -9.44
N GLY A 152 -6.57 -1.95 -8.28
CA GLY A 152 -5.64 -1.02 -7.66
C GLY A 152 -4.94 -1.66 -6.48
N GLY A 153 -3.94 -0.94 -5.96
CA GLY A 153 -3.26 -1.43 -4.79
C GLY A 153 -2.04 -0.56 -4.50
N ASP A 154 -1.44 -0.83 -3.36
CA ASP A 154 -0.26 -0.08 -2.92
C ASP A 154 0.97 -0.97 -2.87
N SER A 155 2.12 -0.45 -3.32
CA SER A 155 3.42 -1.12 -3.18
C SER A 155 3.38 -2.47 -3.90
N ALA A 156 3.59 -3.60 -3.21
CA ALA A 156 3.44 -4.91 -3.86
C ALA A 156 2.03 -5.12 -4.40
N GLY A 157 1.03 -4.51 -3.76
CA GLY A 157 -0.34 -4.62 -4.26
C GLY A 157 -0.56 -3.85 -5.55
N GLY A 158 0.19 -2.77 -5.74
CA GLY A 158 0.16 -2.07 -7.02
C GLY A 158 0.82 -2.88 -8.12
N ASN A 159 1.93 -3.54 -7.79
CA ASN A 159 2.48 -4.56 -8.67
C ASN A 159 1.39 -5.55 -9.10
N LEU A 160 0.67 -6.12 -8.12
CA LEU A 160 -0.34 -7.13 -8.46
C LEU A 160 -1.45 -6.54 -9.33
N ALA A 161 -1.88 -5.30 -9.07
CA ALA A 161 -2.90 -4.69 -9.91
C ALA A 161 -2.39 -4.49 -11.32
N ALA A 162 -1.15 -4.01 -11.47
CA ALA A 162 -0.59 -3.83 -12.81
C ALA A 162 -0.47 -5.16 -13.55
N VAL A 163 -0.04 -6.22 -12.86
CA VAL A 163 0.10 -7.51 -13.53
C VAL A 163 -1.27 -8.09 -13.85
N THR A 164 -2.23 -7.94 -12.93
CA THR A 164 -3.60 -8.39 -13.20
C THR A 164 -4.15 -7.78 -14.50
N SER A 165 -3.89 -6.48 -14.71
CA SER A 165 -4.36 -5.83 -15.94
C SER A 165 -3.74 -6.47 -17.18
N ILE A 166 -2.46 -6.87 -17.08
CA ILE A 166 -1.80 -7.57 -18.17
C ILE A 166 -2.44 -8.94 -18.43
N LEU A 167 -2.71 -9.71 -17.37
CA LEU A 167 -3.31 -11.02 -17.56
C LEU A 167 -4.71 -10.91 -18.15
N ALA A 168 -5.46 -9.88 -17.73
CA ALA A 168 -6.79 -9.66 -18.29
C ALA A 168 -6.71 -9.26 -19.76
N LYS A 169 -5.70 -8.49 -20.15
CA LYS A 169 -5.52 -8.22 -21.57
C LYS A 169 -5.26 -9.50 -22.34
N GLU A 170 -4.39 -10.37 -21.83
CA GLU A 170 -4.04 -11.60 -22.52
C GLU A 170 -5.25 -12.53 -22.65
N ARG A 171 -6.09 -12.56 -21.62
CA ARG A 171 -7.19 -13.53 -21.55
C ARG A 171 -8.52 -12.94 -21.99
N GLY A 172 -8.52 -11.74 -22.55
CA GLY A 172 -9.74 -11.18 -23.06
C GLY A 172 -10.74 -10.79 -22.00
N GLY A 173 -10.30 -10.67 -20.75
CA GLY A 173 -11.17 -10.22 -19.70
C GLY A 173 -10.72 -10.71 -18.33
N PRO A 174 -11.41 -10.23 -17.28
CA PRO A 174 -12.56 -9.32 -17.40
C PRO A 174 -12.18 -7.88 -17.74
N ALA A 175 -13.19 -7.12 -18.17
CA ALA A 175 -12.99 -5.71 -18.50
C ALA A 175 -12.58 -4.92 -17.27
N ILE A 176 -11.47 -4.21 -17.36
CA ILE A 176 -10.98 -3.32 -16.31
C ILE A 176 -11.04 -1.90 -16.83
N ALA A 177 -11.69 -1.02 -16.09
CA ALA A 177 -11.86 0.36 -16.54
C ALA A 177 -10.70 1.28 -16.18
N PHE A 178 -9.88 0.91 -15.19
CA PHE A 178 -8.95 1.86 -14.60
C PHE A 178 -8.01 1.08 -13.67
N GLN A 179 -6.74 1.52 -13.58
CA GLN A 179 -5.78 0.97 -12.63
C GLN A 179 -5.30 2.07 -11.70
N LEU A 180 -5.42 1.84 -10.40
CA LEU A 180 -5.02 2.83 -9.39
C LEU A 180 -3.78 2.28 -8.70
N LEU A 181 -2.61 2.82 -9.07
CA LEU A 181 -1.34 2.26 -8.62
C LEU A 181 -0.70 3.24 -7.64
N ILE A 182 -0.69 2.88 -6.35
CA ILE A 182 -0.20 3.74 -5.28
C ILE A 182 1.21 3.29 -4.90
N TYR A 183 2.21 4.17 -5.11
CA TYR A 183 3.64 3.88 -5.05
C TYR A 183 3.90 2.42 -5.38
N PRO A 184 3.64 1.99 -6.61
CA PRO A 184 3.72 0.56 -6.95
C PRO A 184 5.15 0.12 -7.22
N SER A 185 5.36 -1.19 -7.08
CA SER A 185 6.64 -1.81 -7.41
C SER A 185 6.52 -2.51 -8.76
N THR A 186 6.58 -1.72 -9.82
CA THR A 186 6.36 -2.26 -11.16
C THR A 186 7.64 -2.70 -11.87
N GLY A 187 8.81 -2.62 -11.25
CA GLY A 187 9.99 -3.27 -11.77
C GLY A 187 10.85 -2.34 -12.62
N TYR A 188 11.99 -2.86 -13.04
CA TYR A 188 12.97 -2.13 -13.83
C TYR A 188 14.04 -3.12 -14.28
N ASP A 189 14.80 -2.72 -15.30
CA ASP A 189 15.97 -3.49 -15.74
C ASP A 189 17.04 -3.44 -14.65
N PRO A 190 17.39 -4.57 -14.03
CA PRO A 190 18.35 -4.51 -12.92
C PRO A 190 19.71 -3.95 -13.33
N ALA A 191 20.03 -3.93 -14.62
CA ALA A 191 21.27 -3.31 -15.07
C ALA A 191 21.19 -1.80 -15.13
N HIS A 192 20.00 -1.21 -15.08
CA HIS A 192 19.85 0.24 -15.13
C HIS A 192 18.80 0.67 -14.10
N PRO A 193 19.16 0.62 -12.83
CA PRO A 193 18.20 1.00 -11.77
C PRO A 193 17.87 2.48 -11.89
N PRO A 194 16.59 2.85 -11.77
CA PRO A 194 16.22 4.26 -11.77
C PRO A 194 16.85 4.96 -10.56
N ALA A 195 17.05 6.27 -10.68
CA ALA A 195 17.85 7.00 -9.70
C ALA A 195 17.38 6.77 -8.28
N SER A 196 16.07 6.82 -8.04
CA SER A 196 15.56 6.77 -6.66
C SER A 196 15.94 5.49 -5.96
N ILE A 197 16.14 4.39 -6.72
CA ILE A 197 16.49 3.11 -6.11
C ILE A 197 17.76 3.24 -5.29
N GLU A 198 18.71 4.04 -5.77
CA GLU A 198 19.96 4.29 -5.05
C GLU A 198 19.93 5.58 -4.25
N GLU A 199 19.32 6.65 -4.79
CA GLU A 199 19.22 7.91 -4.05
C GLU A 199 18.48 7.72 -2.73
N ASN A 200 17.37 6.96 -2.74
CA ASN A 200 16.51 6.84 -1.57
C ASN A 200 16.64 5.48 -0.90
N ALA A 201 17.79 4.81 -1.07
CA ALA A 201 17.92 3.42 -0.62
C ALA A 201 18.01 3.29 0.90
N GLU A 202 18.34 4.35 1.61
CA GLU A 202 18.49 4.30 3.06
C GLU A 202 17.78 5.50 3.67
N GLY A 203 17.22 5.29 4.86
CA GLY A 203 16.75 6.39 5.67
C GLY A 203 15.27 6.65 5.62
N TYR A 204 14.52 6.03 4.70
CA TYR A 204 13.12 6.39 4.49
C TYR A 204 12.20 5.19 4.62
N LEU A 205 12.42 4.37 5.65
CA LEU A 205 11.54 3.27 6.05
C LEU A 205 11.67 2.08 5.11
N LEU A 206 11.23 2.21 3.86
CA LEU A 206 11.54 1.19 2.85
C LEU A 206 12.97 1.39 2.37
N THR A 207 13.82 0.41 2.57
CA THR A 207 15.24 0.48 2.26
C THR A 207 15.61 -0.51 1.16
N GLY A 208 16.77 -0.28 0.56
CA GLY A 208 17.28 -1.21 -0.44
C GLY A 208 17.45 -2.62 0.09
N GLY A 209 17.97 -2.76 1.32
CA GLY A 209 18.11 -4.09 1.90
C GLY A 209 16.77 -4.76 2.13
N MET A 210 15.78 -3.99 2.60
CA MET A 210 14.43 -4.54 2.76
C MET A 210 13.87 -5.01 1.42
N MET A 211 14.05 -4.22 0.36
CA MET A 211 13.53 -4.58 -0.95
C MET A 211 14.12 -5.89 -1.43
N LEU A 212 15.45 -6.05 -1.28
CA LEU A 212 16.08 -7.30 -1.68
C LEU A 212 15.58 -8.48 -0.84
N TRP A 213 15.31 -8.25 0.44
CA TRP A 213 14.80 -9.31 1.31
C TRP A 213 13.41 -9.75 0.87
N PHE A 214 12.52 -8.79 0.61
CA PHE A 214 11.17 -9.15 0.12
C PHE A 214 11.27 -10.00 -1.14
N ARG A 215 12.12 -9.57 -2.06
CA ARG A 215 12.28 -10.24 -3.34
C ARG A 215 12.80 -11.66 -3.16
N ASP A 216 13.76 -11.85 -2.26
CA ASP A 216 14.26 -13.19 -1.95
C ASP A 216 13.18 -14.07 -1.35
N GLN A 217 12.29 -13.49 -0.55
CA GLN A 217 11.18 -14.29 0.01
C GLN A 217 10.17 -14.66 -1.08
N TYR A 218 9.93 -13.74 -2.01
CA TYR A 218 8.83 -13.89 -2.98
C TYR A 218 9.24 -14.77 -4.14
N LEU A 219 10.41 -14.53 -4.71
CA LEU A 219 10.82 -15.16 -5.95
C LEU A 219 11.43 -16.54 -5.70
N ASN A 220 11.35 -17.40 -6.71
CA ASN A 220 12.00 -18.70 -6.62
C ASN A 220 13.49 -18.60 -6.90
N SER A 221 13.90 -17.67 -7.76
CA SER A 221 15.30 -17.43 -8.04
C SER A 221 15.40 -16.04 -8.65
N LEU A 222 16.63 -15.50 -8.66
CA LEU A 222 16.81 -14.16 -9.17
C LEU A 222 16.76 -14.10 -10.69
N GLU A 223 16.71 -15.26 -11.34
CA GLU A 223 16.43 -15.32 -12.77
C GLU A 223 15.03 -14.82 -13.09
N GLU A 224 14.15 -14.75 -12.09
CA GLU A 224 12.79 -14.24 -12.25
C GLU A 224 12.73 -12.72 -12.18
N LEU A 225 13.87 -12.05 -11.94
CA LEU A 225 13.89 -10.60 -11.82
C LEU A 225 13.28 -9.90 -13.02
N THR A 226 13.44 -10.47 -14.21
CA THR A 226 12.94 -9.84 -15.43
C THR A 226 11.69 -10.52 -15.96
N HIS A 227 11.10 -11.43 -15.20
CA HIS A 227 9.84 -12.01 -15.61
C HIS A 227 8.75 -10.94 -15.56
N PRO A 228 7.98 -10.75 -16.63
CA PRO A 228 7.01 -9.64 -16.65
C PRO A 228 5.88 -9.77 -15.63
N TRP A 229 5.58 -10.97 -15.12
CA TRP A 229 4.63 -11.07 -14.01
C TRP A 229 5.22 -10.59 -12.70
N PHE A 230 6.53 -10.42 -12.63
CA PHE A 230 7.16 -9.76 -11.49
C PHE A 230 7.50 -8.30 -11.79
N SER A 231 8.03 -8.02 -12.99
CA SER A 231 8.38 -6.66 -13.44
C SER A 231 7.53 -6.30 -14.65
N PRO A 232 6.27 -5.91 -14.45
CA PRO A 232 5.39 -5.63 -15.60
C PRO A 232 5.91 -4.54 -16.53
N VAL A 233 6.80 -3.66 -16.07
CA VAL A 233 7.35 -2.63 -16.97
C VAL A 233 8.11 -3.27 -18.13
N LEU A 234 8.58 -4.51 -17.97
CA LEU A 234 9.30 -5.21 -19.02
C LEU A 234 8.39 -6.03 -19.93
N TYR A 235 7.09 -6.01 -19.71
CA TYR A 235 6.18 -6.74 -20.59
C TYR A 235 6.28 -6.17 -22.00
N PRO A 236 6.42 -7.00 -23.04
CA PRO A 236 6.76 -6.46 -24.36
C PRO A 236 5.70 -5.56 -24.98
N ASP A 237 4.41 -5.78 -24.69
CA ASP A 237 3.36 -4.97 -25.33
C ASP A 237 2.32 -4.51 -24.32
N LEU A 238 2.52 -3.31 -23.79
CA LEU A 238 1.59 -2.71 -22.84
C LEU A 238 0.44 -1.99 -23.51
N SER A 239 0.36 -2.01 -24.84
CA SER A 239 -0.74 -1.31 -25.50
C SER A 239 -2.07 -1.95 -25.13
N GLY A 240 -3.12 -1.14 -25.07
CA GLY A 240 -4.47 -1.61 -24.77
C GLY A 240 -4.74 -1.83 -23.30
N LEU A 241 -3.83 -1.46 -22.40
CA LEU A 241 -4.08 -1.66 -20.98
C LEU A 241 -5.04 -0.58 -20.49
N PRO A 242 -5.68 -0.79 -19.33
CA PRO A 242 -6.61 0.24 -18.84
C PRO A 242 -5.85 1.54 -18.52
N PRO A 243 -6.55 2.67 -18.62
CA PRO A 243 -5.91 3.94 -18.20
C PRO A 243 -5.51 3.88 -16.74
N ALA A 244 -4.43 4.58 -16.39
CA ALA A 244 -3.83 4.42 -15.07
C ALA A 244 -3.65 5.76 -14.40
N TYR A 245 -3.74 5.74 -13.07
CA TYR A 245 -3.26 6.82 -12.22
C TYR A 245 -2.18 6.25 -11.32
N ILE A 246 -1.01 6.87 -11.32
CA ILE A 246 0.11 6.42 -10.52
C ILE A 246 0.49 7.50 -9.51
N ALA A 247 0.52 7.14 -8.23
CA ALA A 247 1.03 8.05 -7.20
C ALA A 247 2.42 7.60 -6.76
N THR A 248 3.38 8.52 -6.78
CA THR A 248 4.70 8.25 -6.21
C THR A 248 4.96 9.19 -5.05
N ALA A 249 5.90 8.79 -4.19
CA ALA A 249 6.35 9.62 -3.07
C ALA A 249 7.80 10.06 -3.29
N GLN A 250 8.09 11.33 -2.97
CA GLN A 250 9.40 11.89 -3.28
C GLN A 250 10.54 11.11 -2.66
N TYR A 251 10.37 10.63 -1.43
CA TYR A 251 11.47 10.00 -0.70
C TYR A 251 11.38 8.48 -0.74
N ASP A 252 10.79 7.94 -1.74
CA ASP A 252 10.58 6.50 -1.91
C ASP A 252 11.64 5.96 -2.85
N PRO A 253 12.38 4.89 -2.50
CA PRO A 253 13.25 4.25 -3.50
C PRO A 253 12.51 3.83 -4.76
N LEU A 254 11.22 3.57 -4.66
CA LEU A 254 10.38 3.22 -5.80
C LEU A 254 9.84 4.42 -6.58
N ARG A 255 10.20 5.65 -6.20
CA ARG A 255 9.65 6.84 -6.88
C ARG A 255 9.86 6.79 -8.39
N ASP A 256 11.10 6.61 -8.83
CA ASP A 256 11.36 6.62 -10.27
C ASP A 256 11.00 5.28 -10.94
N VAL A 257 10.70 4.24 -10.15
CA VAL A 257 10.12 3.02 -10.70
C VAL A 257 8.68 3.29 -11.16
N GLY A 258 7.91 3.98 -10.33
CA GLY A 258 6.57 4.37 -10.77
C GLY A 258 6.60 5.29 -11.98
N LYS A 259 7.54 6.25 -11.99
CA LYS A 259 7.70 7.12 -13.15
C LYS A 259 8.06 6.33 -14.39
N LEU A 260 8.88 5.29 -14.26
CA LEU A 260 9.24 4.44 -15.39
C LEU A 260 8.02 3.71 -15.95
N TYR A 261 7.12 3.25 -15.08
CA TYR A 261 5.92 2.59 -15.57
C TYR A 261 5.02 3.57 -16.31
N ALA A 262 4.89 4.79 -15.79
CA ALA A 262 4.10 5.81 -16.49
C ALA A 262 4.68 6.08 -17.88
N GLU A 263 6.01 6.23 -17.95
CA GLU A 263 6.66 6.40 -19.25
C GLU A 263 6.35 5.25 -20.19
N ALA A 264 6.47 4.01 -19.70
CA ALA A 264 6.25 2.85 -20.55
C ALA A 264 4.81 2.76 -21.01
N LEU A 265 3.86 3.07 -20.12
CA LEU A 265 2.45 3.05 -20.51
C LEU A 265 2.16 4.13 -21.53
N ASN A 266 2.65 5.34 -21.25
CA ASN A 266 2.48 6.43 -22.19
C ASN A 266 3.06 6.08 -23.56
N LYS A 267 4.24 5.44 -23.61
CA LYS A 267 4.84 5.13 -24.91
C LYS A 267 4.10 4.01 -25.62
N ALA A 268 3.30 3.22 -24.90
CA ALA A 268 2.48 2.21 -25.55
C ALA A 268 1.07 2.70 -25.89
N GLY A 269 0.80 3.99 -25.75
CA GLY A 269 -0.50 4.54 -26.10
C GLY A 269 -1.58 4.39 -25.05
N VAL A 270 -1.20 4.19 -23.78
CA VAL A 270 -2.18 4.07 -22.69
C VAL A 270 -2.26 5.40 -21.98
N LYS A 271 -3.48 5.87 -21.70
CA LYS A 271 -3.60 7.10 -20.91
C LYS A 271 -3.12 6.88 -19.48
N VAL A 272 -2.24 7.75 -19.01
CA VAL A 272 -1.71 7.62 -17.67
C VAL A 272 -1.51 9.02 -17.11
N GLU A 273 -1.92 9.20 -15.86
CA GLU A 273 -1.59 10.38 -15.07
C GLU A 273 -0.70 9.93 -13.92
N ILE A 274 0.38 10.65 -13.68
CA ILE A 274 1.26 10.37 -12.55
C ILE A 274 1.42 11.64 -11.73
N GLU A 275 1.36 11.50 -10.41
CA GLU A 275 1.55 12.62 -9.50
C GLU A 275 2.55 12.19 -8.43
N ASN A 276 3.56 13.03 -8.21
CA ASN A 276 4.57 12.79 -7.18
C ASN A 276 4.24 13.65 -5.96
N PHE A 277 4.17 13.03 -4.79
CA PHE A 277 3.86 13.75 -3.57
C PHE A 277 5.17 14.13 -2.87
N GLU A 278 5.49 15.43 -2.94
CA GLU A 278 6.84 15.91 -2.72
C GLU A 278 7.28 15.80 -1.27
N ASP A 279 6.36 15.63 -0.33
CA ASP A 279 6.70 15.64 1.08
C ASP A 279 6.58 14.27 1.75
N LEU A 280 6.42 13.20 0.98
CA LEU A 280 6.03 11.92 1.56
C LEU A 280 7.03 10.82 1.24
N ILE A 281 6.87 9.70 1.95
CA ILE A 281 7.70 8.52 1.85
C ILE A 281 6.83 7.36 1.33
N HIS A 282 7.49 6.23 1.06
CA HIS A 282 6.78 4.99 0.75
C HIS A 282 5.85 4.61 1.90
N GLY A 283 4.65 4.15 1.55
CA GLY A 283 3.72 3.67 2.55
C GLY A 283 2.93 4.75 3.25
N PHE A 284 2.90 5.97 2.70
CA PHE A 284 2.27 7.09 3.39
C PHE A 284 0.76 6.91 3.57
N ALA A 285 0.11 6.05 2.78
CA ALA A 285 -1.34 5.90 2.95
C ALA A 285 -1.68 5.36 4.33
N GLN A 286 -0.76 4.60 4.94
CA GLN A 286 -0.96 4.02 6.25
C GLN A 286 -0.71 5.01 7.38
N PHE A 287 -0.33 6.24 7.05
CA PHE A 287 -0.26 7.32 8.03
C PHE A 287 -1.45 8.24 7.93
N TYR A 288 -2.51 7.82 7.24
CA TYR A 288 -3.71 8.64 7.11
C TYR A 288 -4.18 9.13 8.46
N SER A 289 -4.71 10.36 8.50
CA SER A 289 -5.22 11.02 9.71
C SER A 289 -4.14 11.31 10.75
N LEU A 290 -3.00 10.66 10.67
CA LEU A 290 -1.90 10.90 11.61
C LEU A 290 -0.93 11.94 11.07
N SER A 291 -0.69 11.91 9.76
CA SER A 291 0.18 12.86 9.09
C SER A 291 -0.67 13.76 8.21
N PRO A 292 -0.61 15.07 8.40
CA PRO A 292 -1.44 15.95 7.55
C PRO A 292 -1.14 15.82 6.08
N GLY A 293 0.14 15.68 5.70
CA GLY A 293 0.46 15.47 4.30
C GLY A 293 -0.08 14.15 3.77
N ALA A 294 0.07 13.06 4.53
CA ALA A 294 -0.45 11.78 4.09
C ALA A 294 -1.97 11.82 3.95
N THR A 295 -2.66 12.44 4.91
CA THR A 295 -4.11 12.58 4.83
C THR A 295 -4.52 13.27 3.55
N LYS A 296 -3.94 14.44 3.27
CA LYS A 296 -4.29 15.17 2.05
C LYS A 296 -4.01 14.35 0.80
N ALA A 297 -2.90 13.62 0.79
CA ALA A 297 -2.51 12.89 -0.41
C ALA A 297 -3.44 11.71 -0.67
N LEU A 298 -3.79 10.96 0.37
CA LEU A 298 -4.68 9.82 0.15
C LEU A 298 -6.06 10.28 -0.29
N VAL A 299 -6.56 11.39 0.27
CA VAL A 299 -7.84 11.92 -0.17
C VAL A 299 -7.78 12.33 -1.64
N ARG A 300 -6.65 12.92 -2.06
CA ARG A 300 -6.53 13.27 -3.48
C ARG A 300 -6.50 12.01 -4.36
N ILE A 301 -5.77 10.97 -3.95
CA ILE A 301 -5.78 9.73 -4.73
C ILE A 301 -7.20 9.19 -4.83
N ALA A 302 -7.95 9.24 -3.72
CA ALA A 302 -9.32 8.75 -3.77
C ALA A 302 -10.18 9.57 -4.72
N GLU A 303 -9.95 10.88 -4.79
CA GLU A 303 -10.74 11.68 -5.72
C GLU A 303 -10.36 11.41 -7.17
N LYS A 304 -9.11 11.04 -7.43
CA LYS A 304 -8.75 10.58 -8.77
C LYS A 304 -9.51 9.33 -9.15
N LEU A 305 -9.67 8.40 -8.20
CA LEU A 305 -10.47 7.21 -8.47
C LEU A 305 -11.93 7.59 -8.76
N ARG A 306 -12.49 8.50 -7.97
CA ARG A 306 -13.88 8.95 -8.19
C ARG A 306 -14.07 9.49 -9.60
N ASP A 307 -13.15 10.37 -10.04
CA ASP A 307 -13.27 10.97 -11.37
C ASP A 307 -13.13 9.93 -12.47
N ALA A 308 -12.25 8.94 -12.26
CA ALA A 308 -12.04 7.92 -13.29
C ALA A 308 -13.26 7.03 -13.48
N LEU A 309 -14.01 6.77 -12.41
CA LEU A 309 -15.15 5.86 -12.48
C LEU A 309 -16.50 6.60 -12.54
N ALA A 310 -16.49 7.93 -12.63
CA ALA A 310 -17.75 8.67 -12.72
C ALA A 310 -18.45 8.36 -14.05
N ARG B 1 -2.27 15.74 30.84
CA ARG B 1 -2.61 14.33 30.98
C ARG B 1 -3.10 13.76 29.65
N GLY B 2 -2.85 12.48 29.43
CA GLY B 2 -3.35 11.79 28.26
C GLY B 2 -3.11 10.31 28.41
N LYS B 3 -3.45 9.57 27.37
CA LYS B 3 -3.21 8.13 27.39
C LYS B 3 -2.59 7.66 26.09
N VAL B 4 -1.57 6.81 26.22
CA VAL B 4 -0.78 6.30 25.10
C VAL B 4 -1.66 5.49 24.16
N LYS B 5 -2.01 6.07 23.01
CA LYS B 5 -2.81 5.35 22.02
C LYS B 5 -2.03 4.21 21.39
N TRP B 6 -0.72 4.37 21.23
CA TRP B 6 0.11 3.38 20.59
C TRP B 6 1.57 3.74 20.83
N PHE B 7 2.41 2.73 21.01
CA PHE B 7 3.83 2.96 21.23
C PHE B 7 4.59 1.73 20.73
N HIS B 8 5.58 1.96 19.86
CA HIS B 8 6.42 0.87 19.37
C HIS B 8 7.46 0.54 20.43
N ASP B 9 7.36 -0.66 21.00
CA ASP B 9 8.23 -1.03 22.11
C ASP B 9 9.68 -1.19 21.67
N TYR B 10 9.92 -1.65 20.43
CA TYR B 10 11.28 -1.91 20.00
C TYR B 10 11.97 -0.65 19.47
N TYR B 11 11.26 0.16 18.70
CA TYR B 11 11.87 1.34 18.08
C TYR B 11 11.71 2.59 18.92
N GLY B 12 10.85 2.57 19.94
CA GLY B 12 10.75 3.65 20.90
C GLY B 12 10.13 4.93 20.38
N TYR B 13 9.00 4.82 19.67
CA TYR B 13 8.22 5.99 19.28
C TYR B 13 6.75 5.64 19.37
N GLY B 14 5.90 6.66 19.41
CA GLY B 14 4.49 6.41 19.54
C GLY B 14 3.71 7.71 19.57
N PHE B 15 2.44 7.60 19.94
CA PHE B 15 1.55 8.74 19.98
C PHE B 15 0.73 8.67 21.27
N ILE B 16 0.38 9.85 21.77
CA ILE B 16 -0.38 9.99 23.00
C ILE B 16 -1.63 10.82 22.69
N THR B 17 -2.78 10.30 23.09
CA THR B 17 -4.04 11.02 22.88
C THR B 17 -4.35 11.93 24.06
N ASP B 23 -3.87 13.87 19.41
CA ASP B 23 -2.68 13.02 19.35
C ASP B 23 -1.41 13.86 19.29
N VAL B 24 -0.36 13.40 19.97
CA VAL B 24 0.94 14.08 20.01
C VAL B 24 2.04 13.01 20.02
N PHE B 25 3.13 13.29 19.31
CA PHE B 25 4.23 12.34 19.20
C PHE B 25 5.04 12.27 20.48
N VAL B 26 5.58 11.09 20.76
CA VAL B 26 6.51 10.89 21.88
C VAL B 26 7.50 9.80 21.48
N ASN B 27 8.78 10.01 21.78
CA ASN B 27 9.80 8.97 21.61
C ASN B 27 10.37 8.59 22.97
N ALA B 28 11.24 7.57 22.96
CA ALA B 28 11.71 6.99 24.21
C ALA B 28 12.56 7.95 25.03
N ASP B 29 13.28 8.87 24.37
CA ASP B 29 14.08 9.84 25.10
C ASP B 29 13.22 10.80 25.92
N ALA B 30 11.95 10.99 25.53
CA ALA B 30 11.06 11.87 26.26
C ALA B 30 10.57 11.28 27.58
N ILE B 31 10.76 9.97 27.79
CA ILE B 31 10.25 9.32 28.99
C ILE B 31 11.26 9.49 30.13
N ASP B 32 10.76 9.49 31.36
CA ASP B 32 11.59 9.67 32.53
C ASP B 32 11.40 8.53 33.53
N LYS B 37 12.58 1.01 30.08
CA LYS B 37 12.21 2.24 29.39
C LYS B 37 11.19 2.01 28.27
N THR B 38 9.91 2.30 28.55
CA THR B 38 8.88 2.14 27.53
C THR B 38 7.56 2.71 28.05
N LEU B 39 6.70 3.07 27.11
CA LEU B 39 5.28 3.27 27.34
C LEU B 39 4.51 2.11 26.73
N LYS B 40 3.32 1.87 27.26
CA LYS B 40 2.46 0.81 26.75
C LYS B 40 1.07 1.38 26.50
N GLU B 41 0.39 0.80 25.52
CA GLU B 41 -0.91 1.30 25.08
C GLU B 41 -1.92 1.23 26.21
N GLY B 42 -2.53 2.37 26.52
CA GLY B 42 -3.56 2.46 27.53
C GLY B 42 -3.13 3.18 28.80
N GLN B 43 -1.85 3.48 28.94
CA GLN B 43 -1.34 4.13 30.15
C GLN B 43 -1.72 5.60 30.17
N VAL B 44 -1.90 6.12 31.38
CA VAL B 44 -2.18 7.55 31.57
C VAL B 44 -0.89 8.22 32.02
N VAL B 45 -0.54 9.34 31.37
CA VAL B 45 0.76 9.96 31.54
C VAL B 45 0.60 11.47 31.72
N GLU B 46 1.67 12.09 32.21
CA GLU B 46 1.78 13.55 32.31
C GLU B 46 3.01 13.99 31.55
N PHE B 47 2.87 15.07 30.78
CA PHE B 47 3.92 15.50 29.87
C PHE B 47 3.80 17.00 29.63
N GLU B 48 4.86 17.58 29.09
CA GLU B 48 4.81 18.92 28.53
C GLU B 48 4.64 18.83 27.02
N ILE B 49 4.06 19.89 26.46
CA ILE B 49 3.99 20.01 25.01
C ILE B 49 5.29 20.64 24.50
N ASP B 50 5.60 20.33 23.24
CA ASP B 50 6.84 20.68 22.55
C ASP B 50 6.40 21.02 21.12
N SER B 51 5.90 22.24 20.93
CA SER B 51 5.30 22.68 19.69
C SER B 51 6.29 23.42 18.79
N THR B 52 7.56 23.04 18.84
CA THR B 52 8.55 23.57 17.92
C THR B 52 8.22 23.19 16.48
N ALA B 56 2.75 19.36 13.95
CA ALA B 56 3.30 18.13 14.48
C ALA B 56 3.85 18.30 15.89
N PRO B 57 2.97 18.35 16.89
CA PRO B 57 3.42 18.51 18.27
C PRO B 57 4.13 17.28 18.78
N GLN B 58 4.92 17.47 19.83
CA GLN B 58 5.75 16.42 20.41
C GLN B 58 5.71 16.53 21.93
N ALA B 59 5.86 15.40 22.61
CA ALA B 59 5.84 15.38 24.07
C ALA B 59 7.24 15.53 24.65
N ALA B 60 7.29 15.94 25.92
CA ALA B 60 8.55 16.10 26.64
C ALA B 60 8.32 15.75 28.10
N HIS B 61 9.38 15.21 28.73
CA HIS B 61 9.36 14.76 30.13
C HIS B 61 8.09 14.01 30.48
N VAL B 62 7.97 12.79 29.99
CA VAL B 62 6.76 12.01 30.15
C VAL B 62 6.84 11.21 31.44
N LYS B 63 5.75 11.20 32.20
CA LYS B 63 5.72 10.52 33.49
C LYS B 63 4.67 9.40 33.48
C PMS C . 7.38 -3.03 -0.03
S PMS C . 5.58 -2.48 -0.37
C1 PMS C . 8.04 -3.43 -1.44
C2 PMS C . 7.19 -4.04 -2.44
C3 PMS C . 7.80 -4.39 -3.71
C4 PMS C . 9.20 -4.11 -4.00
C5 PMS C . 10.01 -3.50 -2.99
C6 PMS C . 9.43 -3.15 -1.71
O2S PMS C . 4.62 -3.73 -0.63
O1S PMS C . 5.00 -1.99 1.03
C1 PEG D . -7.01 -10.55 7.08
O1 PEG D . -6.70 -11.91 7.55
C2 PEG D . -7.01 -9.52 8.32
O2 PEG D . -7.31 -10.26 9.56
C3 PEG D . -8.64 -9.93 10.10
C4 PEG D . -9.74 -10.51 9.09
O4 PEG D . -10.31 -11.74 9.66
C1 GOL E . 6.70 -15.65 -19.01
O1 GOL E . 8.18 -15.52 -19.07
C2 GOL E . 5.88 -15.00 -20.25
O2 GOL E . 6.50 -13.79 -20.78
C3 GOL E . 4.43 -14.63 -19.69
O3 GOL E . 3.56 -14.01 -20.72
#